data_5N6M
#
_entry.id   5N6M
#
_cell.length_a   152.730
_cell.length_b   39.230
_cell.length_c   102.250
_cell.angle_alpha   90.00
_cell.angle_beta   116.26
_cell.angle_gamma   90.00
#
_symmetry.space_group_name_H-M   'C 1 2 1'
#
loop_
_entity.id
_entity.type
_entity.pdbx_description
1 polymer 'Apolipoprotein N-acyltransferase'
2 non-polymer GLYCEROL
3 non-polymer 'CITRATE ANION'
4 non-polymer '(2R)-2,3-dihydroxypropyl (9Z)-octadec-9-enoate'
5 water water
#
_entity_poly.entity_id   1
_entity_poly.type   'polypeptide(L)'
_entity_poly.pdbx_seq_one_letter_code
;MGSSHHHHHHSSGLVPRGSHMRWISRPGWPGHLLALAAGALTPLALAPFDYWPLAILSIALLYLGLRGLPGKSALWRGWW
YGFGAFGAGTSWIYVSIHDYGAASVPLASLLMLGFTAGVAFFFALPAWLWARCLRRDNAPLGDALAFAALWLALELFRSW
FLTGFPWLYAGYSQLQGPLAGLVPVGGVWLSSFVIALSAALLVNLPRLFPHGASLLLGLVLLLGPWAAGLYLKGHAWTHS
AGEPLRVVAIQGNIAQELKWDPNQVRAQLDLYRDLSLPQQDVDLIVWPETAVPILQDMASGYLGAMGQVADEKNAALITG
VPVRERLADGKSRYFNGITVVGEGAGTYLKQKLVPFGEYVPLQDLLRGLIAFFDLPMSDFARGPADQPLLKAKGYQIAPY
ICYEVVYPEFAAALAAQSQVLLTVSNDTWFGTSIGPLQHLQMAQMRALESGRWMIRATNNGVTGLIDPYGRIVRQIPQFQ
QGILRGEVIPMQGLTPYLQYRVWPLAGLAGVLLLWALLGRQLRPQERRLFG
;
_entity_poly.pdbx_strand_id   A
#
loop_
_chem_comp.id
_chem_comp.type
_chem_comp.name
_chem_comp.formula
FLC non-polymer 'CITRATE ANION' 'C6 H5 O7 -3'
GOL non-polymer GLYCEROL 'C3 H8 O3'
OLC non-polymer '(2R)-2,3-dihydroxypropyl (9Z)-octadec-9-enoate' 'C21 H40 O4'
#
# COMPACT_ATOMS: atom_id res chain seq x y z
N TRP A 23 22.09 -22.47 18.04
CA TRP A 23 22.68 -21.20 18.42
C TRP A 23 21.88 -20.04 17.86
N ILE A 24 20.91 -20.35 17.00
CA ILE A 24 20.10 -19.31 16.39
C ILE A 24 19.15 -18.69 17.41
N SER A 25 18.61 -19.52 18.30
CA SER A 25 17.57 -19.10 19.23
C SER A 25 18.10 -18.65 20.59
N ARG A 26 19.44 -18.72 20.81
CA ARG A 26 20.10 -18.30 22.05
C ARG A 26 20.59 -16.87 21.95
N PRO A 27 20.51 -16.12 23.05
CA PRO A 27 20.80 -14.68 23.01
C PRO A 27 22.25 -14.39 22.66
N GLY A 28 22.49 -13.12 22.36
CA GLY A 28 23.77 -12.64 21.89
C GLY A 28 23.73 -12.22 20.43
N TRP A 29 24.89 -11.76 19.96
CA TRP A 29 25.06 -11.20 18.62
C TRP A 29 24.89 -12.22 17.48
N PRO A 30 25.41 -13.46 17.59
CA PRO A 30 25.24 -14.41 16.47
C PRO A 30 23.80 -14.53 15.97
N GLY A 31 22.82 -14.53 16.87
CA GLY A 31 21.44 -14.56 16.45
C GLY A 31 20.93 -13.21 15.97
N HIS A 32 21.42 -12.12 16.58
CA HIS A 32 21.04 -10.78 16.14
C HIS A 32 21.36 -10.57 14.67
N LEU A 33 22.58 -10.94 14.26
CA LEU A 33 23.00 -10.69 12.89
C LEU A 33 22.32 -11.63 11.90
N LEU A 34 21.81 -12.77 12.34
CA LEU A 34 20.98 -13.58 11.44
C LEU A 34 19.68 -12.87 11.13
N ALA A 35 19.09 -12.18 12.12
CA ALA A 35 17.84 -11.48 11.90
C ALA A 35 18.01 -10.31 10.95
N LEU A 36 19.22 -9.73 10.88
CA LEU A 36 19.49 -8.69 9.89
C LEU A 36 19.32 -9.22 8.48
N ALA A 37 20.03 -10.30 8.15
CA ALA A 37 19.92 -10.89 6.82
C ALA A 37 18.53 -11.45 6.58
N ALA A 38 17.90 -12.00 7.62
CA ALA A 38 16.53 -12.47 7.50
C ALA A 38 15.58 -11.32 7.18
N GLY A 39 15.75 -10.19 7.87
CA GLY A 39 14.94 -9.02 7.55
C GLY A 39 15.23 -8.48 6.16
N ALA A 40 16.50 -8.48 5.76
CA ALA A 40 16.90 -7.93 4.48
C ALA A 40 16.36 -8.72 3.28
N LEU A 41 15.72 -9.86 3.52
CA LEU A 41 15.09 -10.62 2.44
C LEU A 41 13.71 -10.10 2.09
N THR A 42 13.23 -9.06 2.79
CA THR A 42 11.92 -8.50 2.45
C THR A 42 11.90 -7.84 1.08
N PRO A 43 12.86 -6.97 0.71
CA PRO A 43 12.79 -6.39 -0.64
C PRO A 43 12.86 -7.44 -1.74
N LEU A 44 13.54 -8.56 -1.50
CA LEU A 44 13.70 -9.57 -2.54
C LEU A 44 12.39 -10.25 -2.89
N ALA A 45 11.49 -10.41 -1.92
CA ALA A 45 10.20 -11.01 -2.20
C ALA A 45 9.21 -10.02 -2.78
N LEU A 46 9.61 -8.77 -3.00
CA LEU A 46 8.59 -7.78 -3.29
C LEU A 46 8.73 -7.04 -4.61
N ALA A 47 9.60 -6.02 -4.71
CA ALA A 47 9.21 -5.08 -5.75
C ALA A 47 9.53 -5.47 -7.20
N PRO A 48 10.80 -5.44 -7.74
CA PRO A 48 11.00 -6.05 -9.07
C PRO A 48 11.24 -7.55 -9.03
N PHE A 49 11.90 -7.99 -7.96
CA PHE A 49 12.42 -9.35 -7.90
C PHE A 49 11.29 -10.36 -7.77
N ASP A 50 10.38 -10.12 -6.82
CA ASP A 50 9.17 -10.93 -6.67
C ASP A 50 9.49 -12.41 -6.50
N TYR A 51 10.46 -12.71 -5.63
CA TYR A 51 10.74 -14.10 -5.28
C TYR A 51 10.03 -14.33 -3.96
N TRP A 52 8.85 -14.95 -4.03
CA TRP A 52 7.99 -15.10 -2.87
C TRP A 52 8.50 -16.08 -1.81
N PRO A 53 9.17 -17.20 -2.17
CA PRO A 53 9.68 -18.08 -1.12
C PRO A 53 10.55 -17.38 -0.09
N LEU A 54 11.28 -16.33 -0.49
CA LEU A 54 12.14 -15.63 0.45
C LEU A 54 11.35 -14.95 1.55
N ALA A 55 10.09 -14.59 1.28
CA ALA A 55 9.26 -14.01 2.32
C ALA A 55 8.96 -15.01 3.43
N ILE A 56 8.95 -16.29 3.10
CA ILE A 56 8.71 -17.32 4.12
C ILE A 56 9.96 -17.54 4.96
N LEU A 57 11.14 -17.49 4.34
CA LEU A 57 12.39 -17.61 5.08
C LEU A 57 12.50 -16.52 6.14
N SER A 58 12.22 -15.28 5.75
CA SER A 58 12.36 -14.16 6.66
C SER A 58 11.57 -14.37 7.95
N ILE A 59 10.31 -14.79 7.81
CA ILE A 59 9.45 -14.94 8.97
C ILE A 59 9.83 -16.21 9.74
N ALA A 60 10.22 -17.25 9.03
CA ALA A 60 10.62 -18.50 9.68
C ALA A 60 11.88 -18.30 10.51
N LEU A 61 12.88 -17.62 9.95
CA LEU A 61 14.12 -17.37 10.69
C LEU A 61 13.89 -16.48 11.90
N LEU A 62 12.91 -15.57 11.82
CA LEU A 62 12.59 -14.74 12.97
C LEU A 62 11.86 -15.54 14.04
N TYR A 63 10.92 -16.40 13.62
CA TYR A 63 10.21 -17.26 14.56
C TYR A 63 11.17 -18.19 15.28
N LEU A 64 12.06 -18.85 14.52
CA LEU A 64 13.06 -19.72 15.14
C LEU A 64 14.06 -18.91 15.94
N GLY A 65 14.38 -17.69 15.51
CA GLY A 65 15.31 -16.86 16.23
C GLY A 65 14.80 -16.39 17.58
N LEU A 66 13.49 -16.33 17.76
CA LEU A 66 12.87 -15.88 19.00
C LEU A 66 12.53 -17.00 19.96
N ARG A 67 12.92 -18.25 19.65
CA ARG A 67 12.33 -19.41 20.32
C ARG A 67 12.56 -19.39 21.82
N GLY A 68 13.81 -19.22 22.26
CA GLY A 68 14.10 -19.34 23.68
C GLY A 68 14.38 -18.03 24.39
N LEU A 69 14.24 -16.91 23.68
CA LEU A 69 14.75 -15.66 24.20
C LEU A 69 13.84 -15.11 25.30
N PRO A 70 14.41 -14.49 26.32
CA PRO A 70 13.61 -13.71 27.27
C PRO A 70 13.28 -12.36 26.65
N GLY A 71 12.50 -11.58 27.39
CA GLY A 71 12.06 -10.29 26.87
C GLY A 71 13.20 -9.30 26.67
N LYS A 72 14.28 -9.44 27.46
CA LYS A 72 15.36 -8.48 27.41
C LYS A 72 16.06 -8.49 26.06
N SER A 73 16.36 -9.67 25.53
CA SER A 73 17.03 -9.77 24.24
C SER A 73 16.08 -10.05 23.07
N ALA A 74 14.79 -10.32 23.32
CA ALA A 74 13.88 -10.59 22.20
C ALA A 74 13.41 -9.30 21.55
N LEU A 75 13.38 -8.21 22.31
CA LEU A 75 13.08 -6.91 21.75
C LEU A 75 14.13 -6.49 20.73
N TRP A 76 15.39 -6.87 20.95
CA TRP A 76 16.47 -6.47 20.06
C TRP A 76 16.58 -7.35 18.82
N ARG A 77 16.18 -8.62 18.91
CA ARG A 77 16.10 -9.45 17.72
C ARG A 77 15.06 -8.88 16.75
N GLY A 78 13.87 -8.56 17.27
CA GLY A 78 12.87 -7.92 16.45
C GLY A 78 13.31 -6.58 15.92
N TRP A 79 14.09 -5.84 16.72
CA TRP A 79 14.62 -4.57 16.24
C TRP A 79 15.67 -4.79 15.15
N TRP A 80 16.52 -5.81 15.30
CA TRP A 80 17.50 -6.12 14.27
C TRP A 80 16.86 -6.72 13.03
N TYR A 81 15.70 -7.35 13.15
CA TYR A 81 14.98 -7.82 11.98
C TYR A 81 14.31 -6.66 11.24
N GLY A 82 13.67 -5.75 11.97
CA GLY A 82 13.07 -4.60 11.33
C GLY A 82 14.10 -3.63 10.77
N PHE A 83 15.28 -3.57 11.40
CA PHE A 83 16.36 -2.75 10.86
C PHE A 83 16.83 -3.30 9.52
N GLY A 84 16.83 -4.62 9.37
CA GLY A 84 17.21 -5.24 8.11
C GLY A 84 16.12 -5.17 7.07
N ALA A 85 14.87 -5.31 7.52
CA ALA A 85 13.75 -5.26 6.58
C ALA A 85 13.57 -3.84 6.06
N PHE A 86 13.50 -2.86 6.96
CA PHE A 86 13.29 -1.48 6.53
C PHE A 86 14.54 -0.86 5.91
N GLY A 87 15.74 -1.33 6.28
CA GLY A 87 16.94 -0.78 5.68
C GLY A 87 17.10 -1.22 4.23
N ALA A 88 16.90 -2.51 3.97
CA ALA A 88 16.99 -2.99 2.60
C ALA A 88 15.71 -2.74 1.82
N GLY A 89 14.55 -2.91 2.46
CA GLY A 89 13.30 -2.80 1.73
C GLY A 89 12.94 -1.37 1.38
N THR A 90 13.09 -0.47 2.34
CA THR A 90 12.83 0.94 2.12
C THR A 90 14.06 1.71 1.68
N SER A 91 15.13 1.01 1.26
CA SER A 91 16.36 1.67 0.82
C SER A 91 16.10 2.79 -0.18
N TRP A 92 14.96 2.78 -0.86
CA TRP A 92 14.59 3.91 -1.72
C TRP A 92 14.53 5.23 -0.96
N ILE A 93 14.38 5.18 0.37
CA ILE A 93 14.30 6.41 1.14
C ILE A 93 15.62 7.19 1.06
N TYR A 94 16.74 6.48 0.96
CA TYR A 94 18.03 7.15 0.85
C TYR A 94 18.08 8.02 -0.40
N VAL A 95 17.48 7.55 -1.49
CA VAL A 95 17.44 8.34 -2.71
C VAL A 95 16.61 9.60 -2.51
N SER A 96 15.54 9.51 -1.72
CA SER A 96 14.70 10.69 -1.48
C SER A 96 15.45 11.73 -0.67
N ILE A 97 16.15 11.30 0.38
CA ILE A 97 16.92 12.22 1.20
C ILE A 97 18.02 12.88 0.37
N HIS A 98 18.70 12.09 -0.47
CA HIS A 98 19.85 12.60 -1.20
C HIS A 98 19.43 13.57 -2.29
N ASP A 99 18.53 13.15 -3.19
CA ASP A 99 18.19 13.98 -4.33
C ASP A 99 17.31 15.16 -3.93
N TYR A 100 16.18 14.88 -3.31
CA TYR A 100 15.17 15.90 -3.07
C TYR A 100 15.27 16.54 -1.70
N GLY A 101 16.17 16.04 -0.84
CA GLY A 101 16.44 16.64 0.45
C GLY A 101 17.70 17.47 0.49
N ALA A 102 18.38 17.67 -0.64
CA ALA A 102 19.59 18.48 -0.74
C ALA A 102 20.64 18.05 0.27
N ALA A 103 20.82 16.75 0.44
CA ALA A 103 21.65 16.20 1.51
C ALA A 103 22.93 15.61 0.94
N SER A 104 24.03 15.83 1.66
CA SER A 104 25.31 15.20 1.33
C SER A 104 25.30 13.73 1.75
N VAL A 105 26.24 12.97 1.17
CA VAL A 105 26.26 11.52 1.40
C VAL A 105 26.36 11.15 2.88
N PRO A 106 27.28 11.73 3.67
CA PRO A 106 27.32 11.33 5.09
C PRO A 106 26.09 11.77 5.85
N LEU A 107 25.53 12.93 5.53
CA LEU A 107 24.32 13.40 6.19
C LEU A 107 23.12 12.55 5.79
N ALA A 108 23.03 12.19 4.50
CA ALA A 108 21.91 11.36 4.05
C ALA A 108 22.01 9.93 4.58
N SER A 109 23.24 9.40 4.72
CA SER A 109 23.40 8.10 5.37
C SER A 109 22.95 8.15 6.82
N LEU A 110 23.17 9.28 7.49
CA LEU A 110 22.77 9.43 8.88
C LEU A 110 21.26 9.59 9.02
N LEU A 111 20.65 10.41 8.15
CA LEU A 111 19.20 10.62 8.23
C LEU A 111 18.44 9.35 7.92
N MET A 112 18.83 8.65 6.84
CA MET A 112 18.23 7.36 6.52
C MET A 112 18.44 6.37 7.65
N LEU A 113 19.61 6.42 8.29
CA LEU A 113 19.88 5.53 9.42
C LEU A 113 19.03 5.89 10.63
N GLY A 114 18.65 7.16 10.77
CA GLY A 114 17.77 7.54 11.86
C GLY A 114 16.34 7.08 11.66
N PHE A 115 15.87 7.12 10.41
CA PHE A 115 14.53 6.63 10.11
C PHE A 115 14.46 5.12 10.28
N THR A 116 15.43 4.41 9.69
CA THR A 116 15.43 2.95 9.75
C THR A 116 15.43 2.45 11.19
N ALA A 117 16.26 3.05 12.04
CA ALA A 117 16.33 2.60 13.42
C ALA A 117 15.05 2.90 14.20
N GLY A 118 14.36 3.99 13.85
CA GLY A 118 13.10 4.29 14.52
C GLY A 118 11.97 3.40 14.06
N VAL A 119 11.84 3.23 12.74
CA VAL A 119 10.78 2.41 12.19
C VAL A 119 11.02 0.93 12.51
N ALA A 120 12.25 0.57 12.88
CA ALA A 120 12.56 -0.81 13.22
C ALA A 120 11.88 -1.27 14.50
N PHE A 121 11.27 -0.37 15.26
CA PHE A 121 10.58 -0.77 16.47
C PHE A 121 9.18 -1.31 16.20
N PHE A 122 8.68 -1.18 14.97
CA PHE A 122 7.45 -1.87 14.60
C PHE A 122 7.61 -3.37 14.70
N PHE A 123 8.82 -3.88 14.43
CA PHE A 123 9.12 -5.28 14.66
C PHE A 123 9.73 -5.57 16.03
N ALA A 124 10.18 -4.55 16.75
CA ALA A 124 10.79 -4.80 18.05
C ALA A 124 9.73 -5.03 19.13
N LEU A 125 8.70 -4.19 19.14
CA LEU A 125 7.63 -4.33 20.13
C LEU A 125 6.94 -5.68 20.07
N PRO A 126 6.48 -6.18 18.92
CA PRO A 126 5.78 -7.48 18.92
C PRO A 126 6.70 -8.63 19.24
N ALA A 127 7.98 -8.54 18.88
CA ALA A 127 8.92 -9.59 19.26
C ALA A 127 9.13 -9.62 20.75
N TRP A 128 9.15 -8.45 21.39
CA TRP A 128 9.22 -8.38 22.84
C TRP A 128 7.94 -8.92 23.47
N LEU A 129 6.78 -8.48 22.97
CA LEU A 129 5.52 -9.02 23.47
C LEU A 129 5.38 -10.50 23.13
N TRP A 130 5.96 -10.94 22.01
CA TRP A 130 5.93 -12.37 21.70
C TRP A 130 6.61 -13.17 22.80
N ALA A 131 7.78 -12.73 23.25
CA ALA A 131 8.49 -13.40 24.33
C ALA A 131 7.64 -13.51 25.60
N ARG A 132 6.65 -12.64 25.78
CA ARG A 132 5.74 -12.79 26.91
C ARG A 132 4.40 -13.44 26.56
N CYS A 133 4.08 -13.68 25.29
CA CYS A 133 3.02 -14.63 24.92
C CYS A 133 3.50 -15.97 24.35
N LEU A 134 4.81 -16.24 24.31
CA LEU A 134 5.35 -17.37 23.55
C LEU A 134 5.29 -18.68 24.32
N ARG A 135 4.83 -19.75 23.67
CA ARG A 135 4.73 -21.09 24.27
C ARG A 135 5.60 -22.08 23.50
N ARG A 136 6.68 -22.57 24.13
CA ARG A 136 7.49 -23.63 23.53
C ARG A 136 6.94 -25.03 23.77
N ASP A 137 6.36 -25.28 24.96
CA ASP A 137 5.95 -26.65 25.29
C ASP A 137 4.94 -27.18 24.29
N ASN A 138 3.83 -26.47 24.12
CA ASN A 138 2.83 -26.80 23.11
C ASN A 138 3.10 -26.08 21.78
N ALA A 139 4.29 -25.52 21.60
CA ALA A 139 4.71 -24.85 20.37
C ALA A 139 4.31 -25.53 19.06
N PRO A 140 4.37 -26.87 18.94
CA PRO A 140 4.16 -27.48 17.61
C PRO A 140 2.98 -26.94 16.81
N LEU A 141 1.83 -26.73 17.45
CA LEU A 141 0.67 -26.20 16.74
C LEU A 141 0.20 -24.87 17.32
N GLY A 142 -0.14 -24.82 18.61
CA GLY A 142 -0.62 -23.58 19.20
C GLY A 142 0.27 -22.38 18.92
N ASP A 143 1.58 -22.57 18.92
CA ASP A 143 2.48 -21.44 18.74
C ASP A 143 2.52 -20.97 17.29
N ALA A 144 2.55 -21.91 16.33
CA ALA A 144 2.52 -21.53 14.93
C ALA A 144 1.28 -20.69 14.61
N LEU A 145 0.13 -21.10 15.12
CA LEU A 145 -1.08 -20.29 14.97
C LEU A 145 -0.93 -18.95 15.66
N ALA A 146 -0.23 -18.92 16.80
CA ALA A 146 -0.08 -17.70 17.58
C ALA A 146 0.90 -16.73 16.92
N PHE A 147 1.88 -17.23 16.17
CA PHE A 147 2.79 -16.33 15.48
C PHE A 147 2.13 -15.68 14.28
N ALA A 148 1.28 -16.43 13.57
CA ALA A 148 0.50 -15.83 12.50
C ALA A 148 -0.41 -14.74 13.04
N ALA A 149 -1.06 -14.99 14.18
CA ALA A 149 -1.91 -13.98 14.79
C ALA A 149 -1.09 -12.77 15.23
N LEU A 150 0.11 -13.01 15.78
CA LEU A 150 0.98 -11.89 16.15
C LEU A 150 1.46 -11.12 14.92
N TRP A 151 1.68 -11.82 13.80
CA TRP A 151 2.15 -11.13 12.60
C TRP A 151 1.06 -10.25 12.01
N LEU A 152 -0.16 -10.79 11.89
CA LEU A 152 -1.28 -9.96 11.44
C LEU A 152 -1.50 -8.77 12.35
N ALA A 153 -1.17 -8.92 13.65
CA ALA A 153 -1.43 -7.85 14.59
C ALA A 153 -0.44 -6.71 14.41
N LEU A 154 0.82 -7.03 14.11
CA LEU A 154 1.83 -5.99 13.93
C LEU A 154 1.71 -5.31 12.58
N GLU A 155 1.21 -6.02 11.56
CA GLU A 155 0.94 -5.38 10.27
C GLU A 155 -0.22 -4.41 10.39
N LEU A 156 -1.29 -4.81 11.09
CA LEU A 156 -2.40 -3.90 11.34
C LEU A 156 -1.96 -2.72 12.21
N PHE A 157 -1.04 -2.95 13.14
CA PHE A 157 -0.52 -1.87 13.95
C PHE A 157 0.27 -0.87 13.10
N ARG A 158 0.99 -1.36 12.10
CA ARG A 158 1.80 -0.48 11.26
C ARG A 158 0.92 0.50 10.49
N SER A 159 -0.28 0.06 10.09
CA SER A 159 -1.09 0.85 9.18
C SER A 159 -1.82 2.01 9.86
N TRP A 160 -1.75 2.11 11.17
CA TRP A 160 -2.49 3.14 11.89
C TRP A 160 -1.61 3.96 12.82
N PHE A 161 -0.71 3.33 13.58
CA PHE A 161 -0.12 3.86 14.81
C PHE A 161 0.09 5.37 14.84
N LEU A 162 0.94 5.94 13.97
CA LEU A 162 1.01 7.40 13.97
C LEU A 162 0.24 7.99 12.80
N THR A 163 0.84 8.04 11.60
CA THR A 163 0.06 8.14 10.38
C THR A 163 -0.14 6.78 9.72
N GLY A 164 0.56 5.76 10.20
CA GLY A 164 0.63 4.46 9.55
C GLY A 164 1.82 4.35 8.62
N PHE A 165 2.42 3.16 8.55
CA PHE A 165 3.52 2.88 7.64
C PHE A 165 3.30 1.50 7.03
N PRO A 166 2.29 1.38 6.12
CA PRO A 166 1.92 0.09 5.55
C PRO A 166 2.83 -0.35 4.41
N TRP A 167 4.13 -0.34 4.67
CA TRP A 167 5.13 -0.76 3.69
C TRP A 167 5.71 -2.11 4.08
N LEU A 168 6.06 -2.89 3.06
CA LEU A 168 6.75 -4.18 3.22
C LEU A 168 5.88 -5.22 3.92
N TYR A 169 4.57 -5.23 3.67
CA TYR A 169 3.76 -6.33 4.17
C TYR A 169 4.15 -7.62 3.47
N ALA A 170 4.19 -8.73 4.22
CA ALA A 170 4.57 -10.00 3.63
C ALA A 170 3.59 -10.43 2.55
N GLY A 171 2.34 -9.96 2.63
CA GLY A 171 1.31 -10.48 1.74
C GLY A 171 1.48 -10.05 0.31
N TYR A 172 2.10 -8.90 0.08
CA TYR A 172 2.30 -8.44 -1.28
C TYR A 172 3.20 -9.38 -2.09
N SER A 173 3.90 -10.30 -1.43
CA SER A 173 4.80 -11.20 -2.15
C SER A 173 4.04 -12.09 -3.11
N GLN A 174 2.81 -12.45 -2.76
CA GLN A 174 2.05 -13.47 -3.47
C GLN A 174 1.15 -12.90 -4.56
N LEU A 175 1.27 -11.60 -4.86
CA LEU A 175 0.44 -10.99 -5.90
C LEU A 175 0.43 -11.82 -7.17
N GLN A 176 1.61 -12.20 -7.64
CA GLN A 176 1.77 -13.12 -8.76
C GLN A 176 2.08 -14.56 -8.32
N GLY A 177 2.01 -14.86 -7.03
CA GLY A 177 2.26 -16.20 -6.54
C GLY A 177 1.01 -17.04 -6.28
N PRO A 178 1.20 -18.20 -5.63
CA PRO A 178 0.07 -19.15 -5.45
C PRO A 178 -1.00 -18.69 -4.48
N LEU A 179 -0.73 -17.73 -3.61
CA LEU A 179 -1.74 -17.26 -2.67
C LEU A 179 -2.61 -16.16 -3.25
N ALA A 180 -2.44 -15.84 -4.54
CA ALA A 180 -3.23 -14.78 -5.17
C ALA A 180 -4.71 -15.09 -5.19
N GLY A 181 -5.11 -16.34 -4.94
CA GLY A 181 -6.51 -16.66 -4.80
C GLY A 181 -7.10 -16.29 -3.46
N LEU A 182 -6.26 -16.17 -2.44
CA LEU A 182 -6.69 -15.76 -1.12
C LEU A 182 -6.71 -14.26 -0.93
N VAL A 183 -6.10 -13.50 -1.85
CA VAL A 183 -6.07 -12.05 -1.76
C VAL A 183 -7.47 -11.47 -1.90
N PRO A 184 -8.27 -11.89 -2.89
CA PRO A 184 -9.67 -11.41 -2.91
C PRO A 184 -10.48 -11.90 -1.73
N VAL A 185 -10.15 -13.04 -1.14
CA VAL A 185 -10.91 -13.51 0.02
C VAL A 185 -10.57 -12.68 1.25
N GLY A 186 -9.29 -12.63 1.63
CA GLY A 186 -8.86 -11.94 2.83
C GLY A 186 -7.99 -10.71 2.68
N GLY A 187 -7.75 -10.21 1.48
CA GLY A 187 -6.88 -9.07 1.33
C GLY A 187 -5.40 -9.44 1.50
N VAL A 188 -4.57 -8.40 1.59
CA VAL A 188 -3.16 -8.61 1.91
C VAL A 188 -3.00 -9.15 3.33
N TRP A 189 -4.03 -8.99 4.18
CA TRP A 189 -3.98 -9.51 5.52
C TRP A 189 -3.91 -11.05 5.51
N LEU A 190 -4.80 -11.68 4.74
CA LEU A 190 -4.84 -13.14 4.73
C LEU A 190 -3.60 -13.72 4.08
N SER A 191 -3.06 -13.07 3.05
CA SER A 191 -1.81 -13.52 2.45
C SER A 191 -0.70 -13.49 3.48
N SER A 192 -0.61 -12.41 4.25
CA SER A 192 0.41 -12.32 5.29
C SER A 192 0.16 -13.34 6.39
N PHE A 193 -1.11 -13.64 6.68
CA PHE A 193 -1.41 -14.59 7.74
C PHE A 193 -0.98 -16.00 7.35
N VAL A 194 -1.27 -16.39 6.11
CA VAL A 194 -0.89 -17.72 5.65
C VAL A 194 0.62 -17.86 5.59
N ILE A 195 1.32 -16.84 5.10
CA ILE A 195 2.78 -16.91 5.01
C ILE A 195 3.39 -17.05 6.39
N ALA A 196 2.89 -16.29 7.36
CA ALA A 196 3.42 -16.37 8.72
C ALA A 196 3.08 -17.72 9.36
N LEU A 197 1.88 -18.22 9.12
CA LEU A 197 1.52 -19.53 9.64
C LEU A 197 2.35 -20.62 8.98
N SER A 198 2.53 -20.54 7.66
CA SER A 198 3.27 -21.59 6.94
C SER A 198 4.74 -21.59 7.33
N ALA A 199 5.31 -20.40 7.57
CA ALA A 199 6.71 -20.35 7.98
C ALA A 199 6.91 -20.96 9.35
N ALA A 200 6.04 -20.61 10.30
CA ALA A 200 6.18 -21.14 11.66
C ALA A 200 5.90 -22.64 11.72
N LEU A 201 5.05 -23.14 10.83
CA LEU A 201 4.74 -24.57 10.85
C LEU A 201 5.92 -25.39 10.36
N LEU A 202 6.66 -24.88 9.36
CA LEU A 202 7.83 -25.59 8.88
C LEU A 202 8.86 -25.75 9.98
N VAL A 203 9.05 -24.71 10.79
CA VAL A 203 9.98 -24.80 11.91
C VAL A 203 9.52 -25.85 12.92
N ASN A 204 8.22 -25.94 13.16
CA ASN A 204 7.71 -26.92 14.11
C ASN A 204 7.56 -28.32 13.51
N LEU A 205 7.76 -28.47 12.20
CA LEU A 205 7.50 -29.74 11.53
C LEU A 205 8.34 -30.92 12.02
N PRO A 206 9.65 -30.78 12.29
CA PRO A 206 10.42 -31.97 12.70
C PRO A 206 10.08 -32.48 14.09
N ARG A 207 9.54 -31.65 14.97
CA ARG A 207 9.03 -32.11 16.25
C ARG A 207 7.57 -32.55 16.16
N LEU A 208 7.02 -32.61 14.94
CA LEU A 208 5.65 -33.04 14.69
C LEU A 208 5.55 -34.54 14.41
N PHE A 209 6.27 -35.03 13.37
CA PHE A 209 6.02 -36.35 12.79
C PHE A 209 5.96 -37.53 13.76
N PRO A 210 6.69 -37.55 14.89
CA PRO A 210 6.49 -38.68 15.83
C PRO A 210 5.06 -38.86 16.29
N HIS A 211 4.22 -37.82 16.25
CA HIS A 211 2.84 -37.89 16.67
C HIS A 211 1.95 -37.77 15.43
N GLY A 212 1.21 -38.84 15.12
CA GLY A 212 0.50 -38.91 13.86
C GLY A 212 -0.67 -37.93 13.79
N ALA A 213 -1.36 -37.73 14.91
CA ALA A 213 -2.53 -36.85 14.91
C ALA A 213 -2.14 -35.40 14.69
N SER A 214 -1.14 -34.93 15.44
CA SER A 214 -0.71 -33.55 15.30
C SER A 214 0.00 -33.30 13.98
N LEU A 215 0.66 -34.33 13.43
CA LEU A 215 1.30 -34.17 12.13
C LEU A 215 0.27 -34.00 11.02
N LEU A 216 -0.84 -34.75 11.09
CA LEU A 216 -1.88 -34.64 10.08
C LEU A 216 -2.58 -33.29 10.15
N LEU A 217 -2.86 -32.82 11.37
CA LEU A 217 -3.47 -31.51 11.53
C LEU A 217 -2.51 -30.40 11.10
N GLY A 218 -1.22 -30.56 11.38
CA GLY A 218 -0.25 -29.58 10.96
C GLY A 218 -0.14 -29.47 9.45
N LEU A 219 -0.35 -30.59 8.75
CA LEU A 219 -0.28 -30.55 7.30
C LEU A 219 -1.52 -29.92 6.68
N VAL A 220 -2.68 -30.07 7.34
CA VAL A 220 -3.88 -29.41 6.86
C VAL A 220 -3.78 -27.91 7.07
N LEU A 221 -3.14 -27.48 8.16
CA LEU A 221 -2.92 -26.06 8.37
C LEU A 221 -1.83 -25.52 7.45
N LEU A 222 -0.84 -26.34 7.10
CA LEU A 222 0.21 -25.89 6.18
C LEU A 222 -0.25 -25.92 4.73
N LEU A 223 -0.75 -27.07 4.26
CA LEU A 223 -1.10 -27.24 2.86
C LEU A 223 -2.49 -26.72 2.50
N GLY A 224 -3.41 -26.69 3.46
CA GLY A 224 -4.78 -26.31 3.22
C GLY A 224 -4.95 -24.97 2.51
N PRO A 225 -4.37 -23.90 3.07
CA PRO A 225 -4.53 -22.59 2.44
C PRO A 225 -3.84 -22.47 1.09
N TRP A 226 -2.77 -23.24 0.85
CA TRP A 226 -2.09 -23.16 -0.43
C TRP A 226 -2.84 -23.91 -1.51
N ALA A 227 -3.52 -25.00 -1.16
CA ALA A 227 -4.41 -25.65 -2.12
C ALA A 227 -5.61 -24.77 -2.43
N ALA A 228 -6.18 -24.12 -1.41
CA ALA A 228 -7.32 -23.23 -1.64
C ALA A 228 -6.90 -21.99 -2.43
N GLY A 229 -5.67 -21.53 -2.26
CA GLY A 229 -5.22 -20.36 -3.00
C GLY A 229 -5.04 -20.65 -4.48
N LEU A 230 -4.46 -21.80 -4.82
CA LEU A 230 -4.25 -22.14 -6.22
C LEU A 230 -5.58 -22.38 -6.93
N TYR A 231 -6.55 -22.98 -6.24
CA TYR A 231 -7.84 -23.25 -6.87
C TYR A 231 -8.59 -21.94 -7.15
N LEU A 232 -8.48 -20.97 -6.25
CA LEU A 232 -9.19 -19.70 -6.38
C LEU A 232 -8.42 -18.68 -7.21
N LYS A 233 -7.28 -19.04 -7.78
CA LYS A 233 -6.49 -18.10 -8.56
C LYS A 233 -7.23 -17.71 -9.84
N GLY A 234 -7.30 -16.40 -10.11
CA GLY A 234 -7.92 -15.93 -11.32
C GLY A 234 -9.44 -16.03 -11.35
N HIS A 235 -10.06 -16.38 -10.23
CA HIS A 235 -11.51 -16.49 -10.19
C HIS A 235 -12.14 -15.11 -10.31
N ALA A 236 -13.22 -15.02 -11.09
CA ALA A 236 -13.91 -13.74 -11.26
C ALA A 236 -14.99 -13.66 -10.20
N TRP A 237 -14.76 -12.81 -9.20
CA TRP A 237 -15.75 -12.55 -8.18
C TRP A 237 -16.68 -11.41 -8.55
N THR A 238 -16.34 -10.66 -9.60
CA THR A 238 -17.06 -9.45 -9.97
C THR A 238 -17.65 -9.60 -11.36
N HIS A 239 -18.89 -9.15 -11.51
CA HIS A 239 -19.61 -9.17 -12.77
C HIS A 239 -19.00 -8.20 -13.77
N SER A 240 -19.35 -8.40 -15.04
CA SER A 240 -19.07 -7.40 -16.07
C SER A 240 -20.15 -6.33 -16.05
N ALA A 241 -19.75 -5.07 -15.93
CA ALA A 241 -20.70 -3.98 -15.73
C ALA A 241 -21.13 -3.25 -17.00
N GLY A 242 -20.50 -3.51 -18.15
CA GLY A 242 -20.92 -2.82 -19.36
C GLY A 242 -19.80 -2.77 -20.38
N GLU A 243 -19.99 -1.89 -21.38
CA GLU A 243 -19.02 -1.77 -22.46
C GLU A 243 -17.84 -0.90 -22.00
N PRO A 244 -16.61 -1.27 -22.39
CA PRO A 244 -15.43 -0.64 -21.80
C PRO A 244 -15.26 0.82 -22.19
N LEU A 245 -14.64 1.56 -21.29
CA LEU A 245 -14.29 2.96 -21.51
C LEU A 245 -12.86 3.05 -22.02
N ARG A 246 -12.66 3.85 -23.06
CA ARG A 246 -11.32 4.09 -23.61
C ARG A 246 -10.64 5.18 -22.79
N VAL A 247 -9.47 4.85 -22.24
CA VAL A 247 -8.78 5.71 -21.29
C VAL A 247 -7.60 6.37 -21.98
N VAL A 248 -7.36 7.64 -21.64
CA VAL A 248 -6.17 8.37 -22.07
C VAL A 248 -5.54 9.02 -20.84
N ALA A 249 -4.30 8.66 -20.55
CA ALA A 249 -3.56 9.19 -19.42
C ALA A 249 -2.38 10.01 -19.93
N ILE A 250 -2.26 11.23 -19.41
CA ILE A 250 -1.17 12.14 -19.76
C ILE A 250 -0.27 12.30 -18.55
N GLN A 251 1.03 12.10 -18.73
CA GLN A 251 2.02 12.43 -17.72
C GLN A 251 3.00 13.43 -18.31
N GLY A 252 3.63 14.19 -17.44
CA GLY A 252 4.66 15.13 -17.85
C GLY A 252 5.67 15.30 -16.74
N ASN A 253 6.88 15.65 -17.14
CA ASN A 253 8.07 15.47 -16.33
C ASN A 253 8.37 16.66 -15.44
N ILE A 254 7.38 17.51 -15.16
CA ILE A 254 7.55 18.63 -14.24
C ILE A 254 8.29 18.15 -12.99
N ALA A 255 9.38 18.84 -12.65
CA ALA A 255 10.20 18.52 -11.48
C ALA A 255 10.52 19.80 -10.72
N GLN A 256 9.95 19.94 -9.52
CA GLN A 256 10.20 21.10 -8.65
C GLN A 256 9.79 22.43 -9.32
N GLU A 257 8.76 22.41 -10.16
CA GLU A 257 8.18 23.66 -10.71
C GLU A 257 6.68 23.48 -10.89
N PRO A 262 6.41 29.83 -9.82
CA PRO A 262 5.03 29.97 -10.27
C PRO A 262 4.94 30.55 -11.69
N ASN A 263 6.09 30.94 -12.24
CA ASN A 263 6.12 31.42 -13.62
C ASN A 263 5.74 30.33 -14.61
N GLN A 264 6.03 29.07 -14.26
CA GLN A 264 5.84 27.93 -15.15
C GLN A 264 4.44 27.33 -15.04
N VAL A 265 3.54 27.97 -14.28
CA VAL A 265 2.14 27.54 -14.26
C VAL A 265 1.58 27.47 -15.68
N ARG A 266 1.75 28.55 -16.45
CA ARG A 266 1.22 28.59 -17.80
C ARG A 266 1.90 27.56 -18.70
N ALA A 267 3.14 27.19 -18.41
CA ALA A 267 3.81 26.16 -19.18
C ALA A 267 3.14 24.80 -18.96
N GLN A 268 2.69 24.53 -17.73
CA GLN A 268 2.02 23.26 -17.46
C GLN A 268 0.61 23.23 -18.06
N LEU A 269 -0.14 24.32 -17.89
CA LEU A 269 -1.49 24.37 -18.43
C LEU A 269 -1.49 24.20 -19.94
N ASP A 270 -0.52 24.80 -20.64
CA ASP A 270 -0.42 24.61 -22.08
C ASP A 270 -0.11 23.16 -22.42
N LEU A 271 0.84 22.56 -21.68
CA LEU A 271 1.33 21.23 -22.02
C LEU A 271 0.24 20.18 -21.87
N TYR A 272 -0.48 20.19 -20.75
CA TYR A 272 -1.52 19.19 -20.55
C TYR A 272 -2.66 19.36 -21.54
N ARG A 273 -3.03 20.62 -21.84
CA ARG A 273 -4.08 20.86 -22.83
C ARG A 273 -3.63 20.44 -24.22
N ASP A 274 -2.38 20.73 -24.58
CA ASP A 274 -1.91 20.47 -25.94
C ASP A 274 -1.78 18.98 -26.22
N LEU A 275 -1.58 18.16 -25.19
CA LEU A 275 -1.54 16.72 -25.39
C LEU A 275 -2.93 16.09 -25.39
N SER A 276 -3.92 16.79 -24.83
CA SER A 276 -5.29 16.27 -24.81
C SER A 276 -6.04 16.56 -26.11
N LEU A 277 -5.90 17.77 -26.65
CA LEU A 277 -6.68 18.19 -27.81
C LEU A 277 -6.59 17.26 -29.00
N PRO A 278 -5.41 16.76 -29.42
CA PRO A 278 -5.36 15.85 -30.57
C PRO A 278 -6.02 14.50 -30.32
N GLN A 279 -6.30 14.14 -29.07
CA GLN A 279 -6.86 12.82 -28.78
C GLN A 279 -8.28 12.71 -29.30
N GLN A 280 -8.61 11.54 -29.83
CA GLN A 280 -9.96 11.26 -30.32
C GLN A 280 -10.30 9.82 -29.98
N ASP A 281 -11.60 9.51 -30.07
CA ASP A 281 -12.14 8.22 -29.61
C ASP A 281 -11.83 7.99 -28.14
N VAL A 282 -12.21 8.96 -27.30
CA VAL A 282 -11.86 8.95 -25.90
C VAL A 282 -13.13 8.90 -25.05
N ASP A 283 -13.00 8.26 -23.89
CA ASP A 283 -14.02 8.24 -22.84
C ASP A 283 -13.52 8.86 -21.55
N LEU A 284 -12.39 8.41 -21.01
CA LEU A 284 -11.79 9.02 -19.83
C LEU A 284 -10.43 9.63 -20.17
N ILE A 285 -10.22 10.89 -19.76
CA ILE A 285 -8.92 11.56 -19.79
C ILE A 285 -8.52 11.81 -18.34
N VAL A 286 -7.35 11.33 -17.94
CA VAL A 286 -6.92 11.37 -16.55
C VAL A 286 -5.59 12.11 -16.44
N TRP A 287 -5.56 13.15 -15.59
CA TRP A 287 -4.39 13.98 -15.29
C TRP A 287 -3.92 13.75 -13.85
N PRO A 288 -2.61 13.52 -13.64
CA PRO A 288 -2.11 13.16 -12.30
C PRO A 288 -2.14 14.29 -11.26
N GLU A 289 -1.50 14.04 -10.11
CA GLU A 289 -1.66 14.88 -8.93
C GLU A 289 -1.13 16.29 -9.18
N THR A 290 -1.98 17.27 -8.86
CA THR A 290 -1.69 18.69 -9.09
C THR A 290 -1.21 18.92 -10.51
N ALA A 291 -1.94 18.36 -11.47
CA ALA A 291 -1.64 18.59 -12.87
C ALA A 291 -1.85 20.06 -13.22
N VAL A 292 -2.94 20.65 -12.74
CA VAL A 292 -3.18 22.08 -12.88
C VAL A 292 -2.67 22.76 -11.61
N PRO A 293 -1.56 23.48 -11.66
CA PRO A 293 -0.93 23.95 -10.41
C PRO A 293 -1.74 25.02 -9.69
N ILE A 294 -2.53 25.82 -10.40
CA ILE A 294 -3.34 26.85 -9.75
C ILE A 294 -4.59 26.23 -9.14
N LEU A 295 -5.12 26.89 -8.12
CA LEU A 295 -6.34 26.43 -7.46
C LEU A 295 -7.51 26.49 -8.42
N GLN A 296 -8.54 25.69 -8.13
CA GLN A 296 -9.69 25.62 -9.02
C GLN A 296 -10.56 26.87 -8.98
N ASP A 297 -10.31 27.77 -8.03
CA ASP A 297 -11.00 29.06 -8.04
C ASP A 297 -10.53 29.92 -9.21
N MET A 298 -9.21 29.97 -9.44
CA MET A 298 -8.64 30.75 -10.52
C MET A 298 -8.64 29.99 -11.85
N ALA A 299 -8.91 28.69 -11.84
CA ALA A 299 -8.93 27.87 -13.04
C ALA A 299 -10.33 27.71 -13.62
N SER A 300 -11.32 28.42 -13.07
CA SER A 300 -12.71 28.21 -13.48
C SER A 300 -12.89 28.43 -14.98
N GLY A 301 -12.15 29.40 -15.54
CA GLY A 301 -12.25 29.63 -16.97
C GLY A 301 -11.49 28.58 -17.77
N TYR A 302 -10.34 28.13 -17.25
CA TYR A 302 -9.57 27.11 -17.92
C TYR A 302 -10.26 25.76 -17.85
N LEU A 303 -10.78 25.39 -16.68
CA LEU A 303 -11.41 24.08 -16.53
C LEU A 303 -12.74 23.99 -17.28
N GLY A 304 -13.45 25.12 -17.40
CA GLY A 304 -14.65 25.13 -18.24
C GLY A 304 -14.33 25.01 -19.71
N ALA A 305 -13.23 25.64 -20.14
CA ALA A 305 -12.79 25.51 -21.53
C ALA A 305 -12.31 24.09 -21.81
N MET A 306 -11.70 23.42 -20.82
CA MET A 306 -11.30 22.03 -21.01
C MET A 306 -12.48 21.08 -20.93
N GLY A 307 -13.54 21.46 -20.19
CA GLY A 307 -14.75 20.66 -20.20
C GLY A 307 -15.43 20.66 -21.55
N GLN A 308 -15.47 21.82 -22.22
CA GLN A 308 -16.05 21.87 -23.55
C GLN A 308 -15.22 21.06 -24.54
N VAL A 309 -13.90 21.08 -24.39
CA VAL A 309 -13.05 20.21 -25.19
C VAL A 309 -13.39 18.75 -24.92
N ALA A 310 -13.68 18.41 -23.67
CA ALA A 310 -14.01 17.04 -23.32
C ALA A 310 -15.42 16.66 -23.79
N ASP A 311 -16.33 17.64 -23.85
CA ASP A 311 -17.71 17.33 -24.23
C ASP A 311 -17.80 16.89 -25.69
N GLU A 312 -17.12 17.63 -26.59
CA GLU A 312 -17.16 17.28 -28.01
C GLU A 312 -16.47 15.96 -28.29
N LYS A 313 -15.57 15.51 -27.41
CA LYS A 313 -15.03 14.17 -27.46
C LYS A 313 -15.92 13.16 -26.75
N ASN A 314 -16.99 13.62 -26.10
CA ASN A 314 -17.84 12.79 -25.26
C ASN A 314 -17.01 12.00 -24.24
N ALA A 315 -16.15 12.73 -23.53
CA ALA A 315 -15.26 12.15 -22.54
C ALA A 315 -15.25 13.06 -21.31
N ALA A 316 -14.84 12.50 -20.19
CA ALA A 316 -14.68 13.25 -18.95
C ALA A 316 -13.20 13.49 -18.68
N LEU A 317 -12.90 14.63 -18.08
CA LEU A 317 -11.53 15.01 -17.77
C LEU A 317 -11.36 14.94 -16.26
N ILE A 318 -10.60 13.96 -15.79
CA ILE A 318 -10.37 13.74 -14.37
C ILE A 318 -8.95 14.20 -14.07
N THR A 319 -8.83 15.29 -13.31
CA THR A 319 -7.53 15.91 -13.05
C THR A 319 -7.41 16.29 -11.59
N GLY A 320 -6.18 16.23 -11.07
CA GLY A 320 -5.91 16.70 -9.72
C GLY A 320 -5.67 18.20 -9.70
N VAL A 321 -6.19 18.84 -8.66
CA VAL A 321 -6.03 20.28 -8.46
C VAL A 321 -6.03 20.58 -6.97
N PRO A 322 -5.30 21.58 -6.49
CA PRO A 322 -5.55 22.06 -5.12
C PRO A 322 -6.88 22.80 -5.04
N VAL A 323 -7.63 22.50 -3.98
CA VAL A 323 -8.94 23.11 -3.76
C VAL A 323 -8.85 23.95 -2.50
N ARG A 324 -9.21 25.22 -2.61
CA ARG A 324 -9.18 26.15 -1.49
C ARG A 324 -10.60 26.43 -1.02
N GLU A 325 -10.78 26.45 0.30
CA GLU A 325 -12.06 26.73 0.92
C GLU A 325 -11.94 28.03 1.73
N ARG A 326 -12.70 29.04 1.35
CA ARG A 326 -12.69 30.31 2.05
C ARG A 326 -13.47 30.17 3.35
N LEU A 327 -12.83 30.49 4.47
CA LEU A 327 -13.47 30.39 5.77
C LEU A 327 -14.27 31.65 6.07
N ALA A 328 -14.96 31.64 7.22
CA ALA A 328 -15.75 32.81 7.61
C ALA A 328 -14.86 33.98 7.97
N ASP A 329 -13.66 33.69 8.46
CA ASP A 329 -12.64 34.70 8.76
C ASP A 329 -11.86 35.02 7.49
N GLY A 330 -10.73 35.69 7.66
CA GLY A 330 -9.87 36.06 6.55
C GLY A 330 -8.90 34.94 6.20
N LYS A 331 -9.30 33.70 6.50
CA LYS A 331 -8.46 32.52 6.41
C LYS A 331 -8.93 31.58 5.31
N SER A 332 -8.02 30.71 4.87
CA SER A 332 -8.30 29.75 3.81
C SER A 332 -7.91 28.35 4.25
N ARG A 333 -8.66 27.35 3.78
CA ARG A 333 -8.41 25.95 4.10
C ARG A 333 -8.06 25.22 2.80
N TYR A 334 -6.83 24.74 2.70
CA TYR A 334 -6.31 24.16 1.47
C TYR A 334 -6.42 22.65 1.49
N PHE A 335 -6.84 22.07 0.38
CA PHE A 335 -6.99 20.62 0.23
C PHE A 335 -6.25 20.16 -1.01
N ASN A 336 -5.86 18.88 -1.00
CA ASN A 336 -5.32 18.22 -2.19
C ASN A 336 -6.46 17.46 -2.85
N GLY A 337 -6.94 17.97 -3.98
CA GLY A 337 -8.15 17.49 -4.59
C GLY A 337 -7.95 16.73 -5.89
N ILE A 338 -9.07 16.18 -6.36
CA ILE A 338 -9.20 15.65 -7.71
C ILE A 338 -10.61 15.97 -8.19
N THR A 339 -10.72 16.60 -9.36
CA THR A 339 -12.00 17.09 -9.85
C THR A 339 -12.25 16.56 -11.26
N VAL A 340 -13.51 16.60 -11.67
CA VAL A 340 -13.97 16.04 -12.94
C VAL A 340 -14.86 17.07 -13.63
N VAL A 341 -14.53 17.38 -14.89
CA VAL A 341 -15.27 18.33 -15.71
C VAL A 341 -15.64 17.63 -17.01
N GLY A 342 -16.50 18.30 -17.80
CA GLY A 342 -17.07 17.65 -18.97
C GLY A 342 -18.10 16.59 -18.62
N GLU A 343 -17.85 15.34 -19.01
CA GLU A 343 -18.83 14.26 -18.95
C GLU A 343 -18.99 13.66 -17.56
N GLY A 344 -18.37 14.24 -16.53
CA GLY A 344 -18.55 13.76 -15.18
C GLY A 344 -18.53 14.91 -14.18
N ALA A 345 -18.82 14.57 -12.92
CA ALA A 345 -18.93 15.57 -11.88
C ALA A 345 -18.32 15.06 -10.58
N GLY A 346 -18.18 15.98 -9.64
CA GLY A 346 -17.72 15.75 -8.28
C GLY A 346 -16.28 16.22 -8.07
N THR A 347 -16.02 16.67 -6.84
CA THR A 347 -14.70 17.13 -6.42
C THR A 347 -14.36 16.44 -5.11
N TYR A 348 -13.34 15.58 -5.16
CA TYR A 348 -12.93 14.79 -4.01
C TYR A 348 -11.70 15.39 -3.36
N LEU A 349 -11.67 15.39 -2.04
CA LEU A 349 -10.56 15.92 -1.26
C LEU A 349 -9.80 14.77 -0.58
N LYS A 350 -8.49 14.91 -0.49
CA LYS A 350 -7.65 13.84 0.05
C LYS A 350 -7.86 13.68 1.55
N GLN A 351 -8.18 12.46 1.98
CA GLN A 351 -8.55 12.23 3.38
C GLN A 351 -7.33 12.14 4.31
N LYS A 352 -6.35 11.30 3.97
CA LYS A 352 -5.23 11.03 4.85
C LYS A 352 -3.94 11.48 4.17
N LEU A 353 -3.13 12.22 4.90
CA LEU A 353 -1.99 12.94 4.35
C LEU A 353 -0.68 12.38 4.89
N VAL A 354 0.43 12.91 4.35
CA VAL A 354 1.78 12.47 4.70
C VAL A 354 2.31 13.40 5.79
N PRO A 355 2.97 12.89 6.84
CA PRO A 355 3.11 13.70 8.07
C PRO A 355 3.87 15.00 7.92
N PHE A 356 5.09 15.00 7.36
CA PHE A 356 5.81 16.25 7.21
C PHE A 356 5.83 16.81 5.80
N GLY A 357 5.32 16.07 4.82
CA GLY A 357 5.24 16.58 3.48
C GLY A 357 4.06 17.50 3.24
N GLU A 358 2.86 17.05 3.61
CA GLU A 358 1.65 17.83 3.38
C GLU A 358 1.10 18.55 4.61
N TYR A 359 1.68 18.36 5.79
CA TYR A 359 1.23 19.08 6.99
C TYR A 359 2.33 19.01 8.04
N VAL A 360 2.06 19.61 9.19
CA VAL A 360 2.97 19.53 10.34
C VAL A 360 2.25 18.90 11.53
N PRO A 361 2.62 17.70 11.95
CA PRO A 361 1.98 17.11 13.13
C PRO A 361 2.43 17.82 14.40
N LEU A 362 1.48 18.04 15.30
CA LEU A 362 1.71 18.79 16.54
C LEU A 362 2.46 20.09 16.26
N GLN A 363 1.82 20.98 15.49
CA GLN A 363 2.54 22.12 14.95
C GLN A 363 2.90 23.13 16.03
N ASP A 364 2.04 23.32 17.02
CA ASP A 364 2.36 24.27 18.08
C ASP A 364 3.65 23.92 18.81
N LEU A 365 4.08 22.67 18.71
CA LEU A 365 5.36 22.20 19.25
C LEU A 365 6.40 22.05 18.14
N LEU A 366 6.14 21.18 17.16
CA LEU A 366 7.14 20.85 16.16
C LEU A 366 7.37 21.95 15.13
N ARG A 367 6.40 22.87 14.94
CA ARG A 367 6.64 23.94 13.98
C ARG A 367 7.57 25.01 14.55
N GLY A 368 7.60 25.17 15.88
CA GLY A 368 8.63 25.99 16.48
C GLY A 368 10.00 25.36 16.44
N LEU A 369 10.07 24.05 16.24
CA LEU A 369 11.33 23.34 16.07
C LEU A 369 11.68 23.07 14.61
N ILE A 370 10.80 23.43 13.66
CA ILE A 370 11.10 23.27 12.24
C ILE A 370 11.64 24.55 11.61
N ALA A 371 11.82 25.60 12.41
CA ALA A 371 12.28 26.91 11.92
C ALA A 371 13.55 26.80 11.07
N SER A 378 3.27 20.77 5.06
CA SER A 378 3.29 22.07 5.69
C SER A 378 2.09 22.92 5.26
N ASP A 379 1.30 22.42 4.31
CA ASP A 379 0.25 23.23 3.68
C ASP A 379 -1.15 22.67 3.91
N PHE A 380 -1.45 21.46 3.45
CA PHE A 380 -2.83 21.01 3.28
C PHE A 380 -3.49 20.66 4.62
N ALA A 381 -4.77 20.27 4.51
CA ALA A 381 -5.58 19.85 5.65
C ALA A 381 -6.37 18.61 5.24
N ARG A 382 -6.98 17.95 6.22
CA ARG A 382 -7.59 16.64 5.98
C ARG A 382 -9.00 16.79 5.40
N GLY A 383 -9.35 15.83 4.54
CA GLY A 383 -10.64 15.81 3.88
C GLY A 383 -11.67 14.98 4.62
N PRO A 384 -12.95 15.20 4.31
CA PRO A 384 -14.02 14.55 5.08
C PRO A 384 -14.17 13.07 4.74
N ALA A 385 -14.78 12.35 5.69
CA ALA A 385 -15.10 10.93 5.49
C ALA A 385 -16.44 10.70 4.82
N ASP A 386 -17.32 11.71 4.79
CA ASP A 386 -18.66 11.55 4.25
C ASP A 386 -18.72 11.83 2.75
N GLN A 387 -17.56 12.01 2.13
CA GLN A 387 -17.45 12.34 0.70
C GLN A 387 -18.12 11.29 -0.17
N PRO A 388 -18.68 11.72 -1.31
CA PRO A 388 -19.18 10.76 -2.30
C PRO A 388 -18.10 10.32 -3.27
N LEU A 389 -18.43 9.44 -4.21
CA LEU A 389 -17.49 9.05 -5.24
C LEU A 389 -17.55 10.04 -6.40
N LEU A 390 -16.69 9.84 -7.41
CA LEU A 390 -16.67 10.66 -8.60
C LEU A 390 -17.48 9.96 -9.68
N LYS A 391 -18.53 10.62 -10.16
CA LYS A 391 -19.35 10.08 -11.23
C LYS A 391 -18.80 10.52 -12.57
N ALA A 392 -18.55 9.55 -13.46
CA ALA A 392 -18.11 9.85 -14.82
C ALA A 392 -18.68 8.79 -15.75
N LYS A 393 -19.19 9.23 -16.90
CA LYS A 393 -19.78 8.35 -17.91
C LYS A 393 -20.90 7.49 -17.32
N GLY A 394 -21.53 7.97 -16.25
CA GLY A 394 -22.59 7.27 -15.56
C GLY A 394 -22.10 6.32 -14.48
N TYR A 395 -20.87 5.83 -14.58
CA TYR A 395 -20.29 4.93 -13.61
C TYR A 395 -19.69 5.69 -12.42
N GLN A 396 -19.59 4.98 -11.29
CA GLN A 396 -18.92 5.51 -10.10
C GLN A 396 -17.43 5.16 -10.12
N ILE A 397 -16.61 6.10 -9.68
CA ILE A 397 -15.16 5.95 -9.67
C ILE A 397 -14.63 6.34 -8.30
N ALA A 398 -13.85 5.44 -7.69
CA ALA A 398 -13.32 5.65 -6.34
C ALA A 398 -11.96 6.32 -6.41
N PRO A 399 -11.83 7.58 -6.05
CA PRO A 399 -10.54 8.28 -6.18
C PRO A 399 -9.56 7.94 -5.07
N TYR A 400 -8.29 7.88 -5.43
CA TYR A 400 -7.19 7.75 -4.48
C TYR A 400 -6.09 8.71 -4.90
N ILE A 401 -5.67 9.59 -3.99
CA ILE A 401 -4.63 10.57 -4.26
C ILE A 401 -3.35 10.12 -3.56
N CYS A 402 -2.29 9.98 -4.35
CA CYS A 402 -0.94 9.61 -3.88
C CYS A 402 -1.04 8.23 -3.24
N TYR A 403 -0.53 8.02 -2.03
CA TYR A 403 -0.41 6.70 -1.44
C TYR A 403 -1.60 6.30 -0.57
N GLU A 404 -2.72 7.04 -0.63
CA GLU A 404 -3.94 6.53 -0.01
C GLU A 404 -4.24 5.11 -0.46
N VAL A 405 -3.61 4.66 -1.55
CA VAL A 405 -3.77 3.30 -2.04
C VAL A 405 -3.13 2.27 -1.11
N VAL A 406 -2.11 2.66 -0.35
CA VAL A 406 -1.38 1.68 0.46
C VAL A 406 -2.16 1.25 1.70
N TYR A 407 -3.24 1.95 2.04
CA TYR A 407 -4.02 1.60 3.22
C TYR A 407 -5.15 0.67 2.80
N PRO A 408 -5.07 -0.63 3.12
CA PRO A 408 -6.02 -1.59 2.54
C PRO A 408 -7.46 -1.43 3.03
N GLU A 409 -7.65 -1.09 4.31
CA GLU A 409 -9.01 -0.95 4.83
C GLU A 409 -9.67 0.34 4.36
N PHE A 410 -8.89 1.41 4.20
CA PHE A 410 -9.43 2.67 3.72
C PHE A 410 -9.82 2.58 2.25
N ALA A 411 -9.02 1.87 1.45
CA ALA A 411 -9.33 1.77 0.03
C ALA A 411 -10.54 0.88 -0.22
N ALA A 412 -10.74 -0.14 0.62
CA ALA A 412 -11.85 -1.06 0.40
C ALA A 412 -13.20 -0.37 0.57
N ALA A 413 -13.27 0.64 1.45
CA ALA A 413 -14.53 1.36 1.61
C ALA A 413 -14.87 2.17 0.37
N LEU A 414 -13.87 2.78 -0.28
CA LEU A 414 -14.12 3.52 -1.50
C LEU A 414 -14.36 2.59 -2.67
N ALA A 415 -13.61 1.49 -2.75
CA ALA A 415 -13.74 0.56 -3.87
C ALA A 415 -15.13 -0.05 -3.93
N ALA A 416 -15.75 -0.29 -2.78
CA ALA A 416 -17.11 -0.80 -2.75
C ALA A 416 -18.09 0.29 -3.15
N GLN A 417 -19.18 -0.12 -3.81
CA GLN A 417 -20.14 0.77 -4.45
C GLN A 417 -19.48 1.64 -5.52
N SER A 418 -18.35 1.20 -6.06
CA SER A 418 -17.64 1.90 -7.12
C SER A 418 -17.42 0.96 -8.28
N GLN A 419 -17.65 1.45 -9.50
CA GLN A 419 -17.46 0.62 -10.69
C GLN A 419 -16.00 0.54 -11.10
N VAL A 420 -15.28 1.65 -11.06
CA VAL A 420 -13.89 1.71 -11.53
C VAL A 420 -13.03 2.36 -10.44
N LEU A 421 -11.78 1.91 -10.35
CA LEU A 421 -10.80 2.51 -9.46
C LEU A 421 -9.92 3.48 -10.23
N LEU A 422 -9.55 4.59 -9.59
CA LEU A 422 -8.65 5.57 -10.18
C LEU A 422 -7.74 6.12 -9.10
N THR A 423 -6.44 6.15 -9.38
CA THR A 423 -5.47 6.77 -8.49
C THR A 423 -4.69 7.83 -9.24
N VAL A 424 -4.64 9.03 -8.66
CA VAL A 424 -3.97 10.18 -9.22
C VAL A 424 -2.85 10.55 -8.25
N SER A 425 -1.60 10.45 -8.71
CA SER A 425 -0.48 10.53 -7.78
C SER A 425 0.71 11.23 -8.42
N ASN A 426 1.60 11.72 -7.56
CA ASN A 426 2.87 12.31 -7.95
C ASN A 426 3.98 11.51 -7.29
N ASP A 427 4.73 10.74 -8.08
CA ASP A 427 5.76 9.86 -7.53
C ASP A 427 7.16 10.45 -7.57
N THR A 428 7.32 11.69 -8.01
CA THR A 428 8.65 12.29 -8.05
C THR A 428 9.24 12.42 -6.65
N TRP A 429 8.40 12.43 -5.61
CA TRP A 429 8.88 12.64 -4.26
C TRP A 429 9.61 11.42 -3.72
N PHE A 430 9.25 10.23 -4.21
CA PHE A 430 9.92 9.02 -3.75
C PHE A 430 11.34 9.03 -4.30
N GLY A 431 11.46 8.94 -5.62
CA GLY A 431 12.76 9.07 -6.25
C GLY A 431 12.81 8.26 -7.53
N THR A 432 14.03 7.97 -7.95
CA THR A 432 14.32 7.33 -9.23
C THR A 432 14.52 5.83 -9.10
N SER A 433 14.23 5.24 -7.92
CA SER A 433 14.72 3.91 -7.64
C SER A 433 13.59 2.90 -7.45
N ILE A 434 13.20 2.58 -6.21
CA ILE A 434 12.22 1.53 -5.95
C ILE A 434 10.87 2.05 -5.48
N GLY A 435 10.74 3.34 -5.22
CA GLY A 435 9.55 3.88 -4.60
C GLY A 435 8.30 3.58 -5.41
N PRO A 436 8.31 3.98 -6.69
CA PRO A 436 7.12 3.71 -7.52
C PRO A 436 6.86 2.23 -7.73
N LEU A 437 7.90 1.39 -7.75
CA LEU A 437 7.69 -0.02 -8.06
C LEU A 437 7.04 -0.76 -6.90
N GLN A 438 7.51 -0.51 -5.67
CA GLN A 438 6.83 -1.03 -4.49
C GLN A 438 5.42 -0.45 -4.38
N HIS A 439 5.30 0.87 -4.59
CA HIS A 439 3.99 1.52 -4.53
C HIS A 439 3.05 1.00 -5.60
N LEU A 440 3.57 0.63 -6.77
CA LEU A 440 2.72 0.10 -7.84
C LEU A 440 2.24 -1.30 -7.50
N GLN A 441 3.10 -2.12 -6.87
CA GLN A 441 2.68 -3.45 -6.44
C GLN A 441 1.53 -3.37 -5.44
N MET A 442 1.51 -2.31 -4.61
CA MET A 442 0.40 -2.15 -3.68
C MET A 442 -0.85 -1.67 -4.41
N ALA A 443 -0.70 -0.94 -5.51
CA ALA A 443 -1.86 -0.50 -6.27
C ALA A 443 -2.49 -1.66 -7.02
N GLN A 444 -1.67 -2.58 -7.53
CA GLN A 444 -2.18 -3.78 -8.17
C GLN A 444 -2.96 -4.64 -7.18
N MET A 445 -2.47 -4.73 -5.95
CA MET A 445 -3.14 -5.54 -4.93
C MET A 445 -4.54 -5.02 -4.63
N ARG A 446 -4.70 -3.69 -4.59
CA ARG A 446 -6.02 -3.11 -4.35
C ARG A 446 -7.00 -3.46 -5.46
N ALA A 447 -6.52 -3.53 -6.70
CA ALA A 447 -7.38 -3.97 -7.80
C ALA A 447 -7.73 -5.44 -7.65
N LEU A 448 -6.75 -6.27 -7.29
CA LEU A 448 -7.01 -7.68 -7.03
C LEU A 448 -7.93 -7.85 -5.82
N GLU A 449 -7.75 -7.01 -4.80
CA GLU A 449 -8.58 -7.11 -3.60
C GLU A 449 -10.02 -6.69 -3.85
N SER A 450 -10.26 -5.74 -4.75
CA SER A 450 -11.62 -5.31 -5.06
C SER A 450 -12.19 -5.91 -6.34
N GLY A 451 -11.39 -6.62 -7.13
CA GLY A 451 -11.87 -7.04 -8.44
C GLY A 451 -12.31 -5.90 -9.34
N ARG A 452 -11.58 -4.79 -9.33
CA ARG A 452 -11.93 -3.60 -10.10
C ARG A 452 -10.75 -3.17 -10.96
N TRP A 453 -11.06 -2.60 -12.12
CA TRP A 453 -10.02 -1.98 -12.95
C TRP A 453 -9.55 -0.67 -12.31
N MET A 454 -8.24 -0.43 -12.38
CA MET A 454 -7.64 0.77 -11.81
C MET A 454 -6.95 1.57 -12.90
N ILE A 455 -7.19 2.88 -12.88
CA ILE A 455 -6.53 3.82 -13.78
C ILE A 455 -5.51 4.59 -12.96
N ARG A 456 -4.23 4.33 -13.20
CA ARG A 456 -3.15 4.94 -12.43
C ARG A 456 -2.48 6.00 -13.29
N ALA A 457 -2.68 7.27 -12.93
CA ALA A 457 -2.10 8.40 -13.63
C ALA A 457 -1.08 9.07 -12.72
N THR A 458 0.19 8.99 -13.11
CA THR A 458 1.28 9.53 -12.30
C THR A 458 2.01 10.62 -13.09
N ASN A 459 2.58 11.57 -12.36
CA ASN A 459 3.31 12.67 -13.00
C ASN A 459 4.58 12.17 -13.68
N ASN A 460 5.36 11.34 -12.98
CA ASN A 460 6.58 10.80 -13.54
C ASN A 460 6.58 9.28 -13.40
N GLY A 461 6.33 8.76 -12.19
CA GLY A 461 6.32 7.32 -11.93
C GLY A 461 5.28 6.55 -12.70
N VAL A 462 5.18 5.25 -12.42
CA VAL A 462 4.58 4.31 -13.37
C VAL A 462 3.10 4.65 -13.56
N THR A 463 2.73 4.89 -14.82
CA THR A 463 1.36 5.19 -15.22
C THR A 463 0.83 4.00 -16.02
N GLY A 464 -0.38 3.53 -15.68
CA GLY A 464 -0.89 2.39 -16.39
C GLY A 464 -2.29 1.99 -15.95
N LEU A 465 -2.75 0.86 -16.49
CA LEU A 465 -4.04 0.26 -16.20
C LEU A 465 -3.85 -1.12 -15.60
N ILE A 466 -4.65 -1.44 -14.59
CA ILE A 466 -4.55 -2.70 -13.86
C ILE A 466 -5.90 -3.39 -13.86
N ASP A 467 -5.93 -4.64 -14.28
CA ASP A 467 -7.18 -5.39 -14.46
C ASP A 467 -7.68 -5.87 -13.10
N PRO A 468 -8.85 -6.52 -13.04
CA PRO A 468 -9.37 -6.97 -11.73
C PRO A 468 -8.48 -7.98 -11.03
N TYR A 469 -7.53 -8.59 -11.74
CA TYR A 469 -6.70 -9.63 -11.16
C TYR A 469 -5.36 -9.11 -10.68
N GLY A 470 -5.14 -7.79 -10.71
CA GLY A 470 -3.88 -7.22 -10.28
C GLY A 470 -2.82 -7.15 -11.35
N ARG A 471 -3.13 -7.57 -12.57
CA ARG A 471 -2.16 -7.58 -13.66
C ARG A 471 -2.06 -6.19 -14.29
N ILE A 472 -0.87 -5.85 -14.76
CA ILE A 472 -0.64 -4.60 -15.47
C ILE A 472 -0.80 -4.87 -16.96
N VAL A 473 -1.89 -4.37 -17.54
CA VAL A 473 -2.16 -4.58 -18.95
C VAL A 473 -1.44 -3.55 -19.84
N ARG A 474 -1.41 -2.28 -19.45
CA ARG A 474 -0.77 -1.24 -20.24
C ARG A 474 0.06 -0.35 -19.32
N GLN A 475 1.28 -0.03 -19.71
CA GLN A 475 2.07 0.95 -18.96
C GLN A 475 3.01 1.69 -19.90
N ILE A 476 3.14 3.00 -19.69
CA ILE A 476 4.09 3.86 -20.39
C ILE A 476 5.37 4.04 -19.59
N PRO A 477 6.53 4.13 -20.24
CA PRO A 477 7.81 4.24 -19.50
C PRO A 477 7.87 5.50 -18.63
N GLN A 478 8.41 5.32 -17.44
CA GLN A 478 8.54 6.38 -16.43
C GLN A 478 9.68 7.34 -16.75
N PHE A 479 9.62 8.51 -16.11
CA PHE A 479 10.63 9.58 -16.22
C PHE A 479 10.70 10.14 -17.64
N GLN A 480 9.58 10.13 -18.34
CA GLN A 480 9.48 10.59 -19.72
C GLN A 480 8.11 11.24 -19.88
N GLN A 481 7.94 12.01 -20.96
CA GLN A 481 6.68 12.70 -21.18
C GLN A 481 5.90 11.85 -22.17
N GLY A 482 4.99 11.02 -21.64
CA GLY A 482 4.26 10.06 -22.41
C GLY A 482 2.76 10.32 -22.48
N ILE A 483 2.09 9.49 -23.29
CA ILE A 483 0.65 9.38 -23.33
C ILE A 483 0.29 7.91 -23.32
N LEU A 484 -0.70 7.53 -22.51
CA LEU A 484 -1.16 6.15 -22.42
C LEU A 484 -2.57 6.04 -22.98
N ARG A 485 -2.76 5.11 -23.92
CA ARG A 485 -4.06 4.79 -24.49
C ARG A 485 -4.44 3.37 -24.08
N GLY A 486 -5.67 3.19 -23.63
CA GLY A 486 -6.11 1.88 -23.22
C GLY A 486 -7.62 1.80 -23.11
N GLU A 487 -8.09 0.65 -22.63
CA GLU A 487 -9.51 0.43 -22.38
C GLU A 487 -9.65 -0.29 -21.05
N VAL A 488 -10.52 0.24 -20.19
CA VAL A 488 -10.88 -0.42 -18.94
C VAL A 488 -12.37 -0.75 -18.99
N ILE A 489 -12.74 -1.86 -18.39
CA ILE A 489 -14.13 -2.30 -18.28
C ILE A 489 -14.63 -1.94 -16.89
N PRO A 490 -15.77 -1.27 -16.76
CA PRO A 490 -16.36 -1.09 -15.44
C PRO A 490 -16.76 -2.44 -14.88
N MET A 491 -16.68 -2.57 -13.57
CA MET A 491 -16.89 -3.85 -12.92
C MET A 491 -18.04 -3.77 -11.91
N GLN A 492 -18.95 -4.73 -12.02
CA GLN A 492 -20.10 -4.89 -11.14
C GLN A 492 -19.79 -6.05 -10.19
N GLY A 493 -20.70 -6.31 -9.25
CA GLY A 493 -20.52 -7.39 -8.31
C GLY A 493 -19.62 -7.00 -7.14
N LEU A 494 -19.27 -8.01 -6.35
CA LEU A 494 -18.44 -7.79 -5.18
C LEU A 494 -17.57 -9.01 -4.91
N THR A 495 -16.42 -8.76 -4.28
CA THR A 495 -15.29 -9.53 -3.79
C THR A 495 -15.50 -9.89 -2.32
N PRO A 496 -15.19 -11.14 -1.93
CA PRO A 496 -15.35 -11.52 -0.51
C PRO A 496 -14.60 -10.64 0.46
N TYR A 497 -13.49 -10.03 0.07
CA TYR A 497 -12.81 -9.11 0.98
C TYR A 497 -13.60 -7.82 1.16
N LEU A 498 -14.22 -7.34 0.08
CA LEU A 498 -15.06 -6.16 0.19
C LEU A 498 -16.32 -6.44 1.00
N GLN A 499 -16.77 -7.69 1.06
CA GLN A 499 -17.94 -7.98 1.88
C GLN A 499 -17.53 -7.97 3.34
N TYR A 500 -16.88 -9.03 3.80
CA TYR A 500 -16.34 -9.07 5.16
C TYR A 500 -14.91 -8.56 5.07
N ARG A 501 -14.69 -7.35 5.58
CA ARG A 501 -13.34 -6.81 5.64
C ARG A 501 -12.64 -7.48 6.82
N VAL A 502 -11.48 -6.97 7.23
CA VAL A 502 -10.51 -7.77 7.97
C VAL A 502 -11.04 -8.28 9.31
N TRP A 503 -12.27 -7.90 9.70
CA TRP A 503 -12.81 -8.28 11.00
C TRP A 503 -12.78 -9.80 11.25
N PRO A 504 -13.37 -10.64 10.38
CA PRO A 504 -13.33 -12.09 10.65
C PRO A 504 -11.94 -12.66 10.84
N LEU A 505 -10.95 -12.19 10.07
CA LEU A 505 -9.59 -12.68 10.27
C LEU A 505 -8.99 -12.12 11.56
N ALA A 506 -9.18 -10.82 11.80
CA ALA A 506 -8.67 -10.23 13.03
C ALA A 506 -9.35 -10.79 14.26
N GLY A 507 -10.60 -11.22 14.13
CA GLY A 507 -11.26 -11.90 15.24
C GLY A 507 -10.63 -13.24 15.54
N LEU A 508 -10.40 -14.05 14.51
CA LEU A 508 -9.70 -15.32 14.69
C LEU A 508 -8.32 -15.11 15.30
N ALA A 509 -7.63 -14.03 14.91
CA ALA A 509 -6.31 -13.76 15.45
C ALA A 509 -6.37 -13.41 16.93
N GLY A 510 -7.38 -12.65 17.35
CA GLY A 510 -7.54 -12.34 18.75
C GLY A 510 -7.79 -13.57 19.61
N VAL A 511 -8.52 -14.53 19.07
CA VAL A 511 -8.73 -15.79 19.77
C VAL A 511 -7.44 -16.58 19.85
N LEU A 512 -6.66 -16.59 18.77
CA LEU A 512 -5.39 -17.31 18.78
C LEU A 512 -4.38 -16.63 19.70
N LEU A 513 -4.49 -15.31 19.88
CA LEU A 513 -3.63 -14.62 20.83
C LEU A 513 -4.08 -14.79 22.27
N LEU A 514 -5.35 -15.16 22.50
CA LEU A 514 -5.84 -15.40 23.85
C LEU A 514 -5.38 -16.77 24.35
N TRP A 515 -5.56 -17.80 23.52
CA TRP A 515 -5.14 -19.15 23.90
C TRP A 515 -3.63 -19.21 24.18
N ALA A 516 -2.84 -18.38 23.50
CA ALA A 516 -1.42 -18.28 23.82
C ALA A 516 -1.21 -17.47 25.10
N LEU A 517 -2.00 -16.43 25.32
CA LEU A 517 -1.88 -15.63 26.53
C LEU A 517 -2.29 -16.42 27.76
N LEU A 518 -3.40 -17.17 27.67
CA LEU A 518 -3.87 -17.98 28.78
C LEU A 518 -3.09 -19.28 28.93
N GLY A 519 -2.50 -19.78 27.85
CA GLY A 519 -1.67 -20.98 27.96
C GLY A 519 -0.41 -20.75 28.76
N ARG A 520 0.18 -19.55 28.65
CA ARG A 520 1.30 -19.19 29.50
C ARG A 520 0.85 -18.80 30.90
N GLN A 521 -0.33 -18.17 31.02
CA GLN A 521 -0.82 -17.76 32.32
C GLN A 521 -1.14 -18.97 33.19
N LEU A 522 -1.58 -20.08 32.59
CA LEU A 522 -1.98 -21.25 33.36
C LEU A 522 -0.81 -22.11 33.79
N ARG A 523 0.34 -22.01 33.13
CA ARG A 523 1.51 -22.80 33.50
C ARG A 523 2.23 -22.20 34.70
C1 GOL B . -16.04 -16.52 6.70
O1 GOL B . -15.69 -16.19 5.39
C2 GOL B . -16.90 -15.41 7.31
O2 GOL B . -18.15 -15.36 6.67
C3 GOL B . -17.12 -15.67 8.80
O3 GOL B . -18.32 -15.08 9.21
C1 GOL C . -7.79 29.92 -19.75
O1 GOL C . -7.05 29.74 -20.92
C2 GOL C . -7.08 30.96 -18.85
O2 GOL C . -5.77 31.17 -19.29
C3 GOL C . -7.09 30.52 -17.38
O3 GOL C . -5.77 30.39 -16.93
C1 GOL D . -10.81 -12.11 6.26
O1 GOL D . -10.73 -10.77 5.85
C2 GOL D . -12.21 -12.68 6.04
O2 GOL D . -12.79 -12.16 4.87
C3 GOL D . -12.16 -14.20 5.92
O3 GOL D . -13.27 -14.62 5.17
CAC FLC E . -5.88 29.76 -25.83
CA FLC E . -6.65 30.05 -24.54
CB FLC E . -5.85 29.60 -23.31
CBC FLC E . -4.89 30.69 -22.84
CG FLC E . -6.82 29.25 -22.19
CGC FLC E . -7.56 27.99 -22.64
OA1 FLC E . -4.64 29.95 -25.90
OA2 FLC E . -6.50 29.32 -26.83
OB1 FLC E . -5.19 31.46 -21.88
OB2 FLC E . -3.78 30.81 -23.42
OG1 FLC E . -8.82 27.96 -22.63
OG2 FLC E . -6.90 27.00 -23.04
OHB FLC E . -5.13 28.45 -23.62
C10 OLC F . 17.46 4.12 19.26
C9 OLC F . 18.01 2.97 19.61
C11 OLC F . 17.22 4.44 17.78
C8 OLC F . 18.40 1.95 18.55
C24 OLC F . 20.85 -6.66 24.89
C12 OLC F . 17.01 5.94 17.60
C7 OLC F . 19.90 1.65 18.65
C6 OLC F . 20.09 0.27 19.27
C5 OLC F . 21.43 -0.30 18.83
C4 OLC F . 21.46 -1.81 19.03
C3 OLC F . 20.68 -2.22 20.28
C2 OLC F . 21.57 -2.98 21.26
C21 OLC F . 21.71 -5.28 23.02
C1 OLC F . 21.75 -4.45 20.83
C22 OLC F . 21.84 -6.62 23.73
O19 OLC F . 21.48 -4.79 19.72
O25 OLC F . 20.72 -8.00 25.33
O23 OLC F . 21.55 -7.66 22.84
O20 OLC F . 22.24 -5.39 21.73
C10 OLC G . 9.67 -26.69 0.35
C9 OLC G . 10.46 -26.39 1.36
C8 OLC G . 10.60 -27.38 2.53
C24 OLC G . 12.97 -27.40 15.01
C7 OLC G . 11.52 -26.78 3.59
C6 OLC G . 11.13 -27.32 4.97
C5 OLC G . 12.17 -26.91 6.00
C4 OLC G . 11.75 -27.37 7.39
C3 OLC G . 12.99 -27.61 8.25
C2 OLC G . 12.67 -27.42 9.73
C21 OLC G . 13.34 -27.02 12.55
C1 OLC G . 13.63 -26.39 10.32
C22 OLC G . 13.84 -26.68 13.97
O19 OLC G . 13.86 -25.39 9.72
O25 OLC G . 12.74 -26.52 16.07
O23 OLC G . 15.15 -27.10 14.13
O20 OLC G . 14.24 -26.61 11.56
C24 OLC H . -2.83 20.09 16.12
C5 OLC H . 1.93 19.02 23.84
C4 OLC H . 1.81 18.52 22.42
C3 OLC H . 1.63 19.73 21.52
C2 OLC H . 0.14 19.88 21.26
C21 OLC H . -1.45 20.94 18.08
C1 OLC H . -0.02 20.52 19.89
C22 OLC H . -1.44 20.28 16.70
O19 OLC H . 0.68 21.42 19.60
O25 OLC H . -2.70 19.53 14.84
O23 OLC H . -0.70 21.08 15.84
O20 OLC H . -0.98 20.02 19.01
C10 OLC I . -6.40 -19.84 6.68
C9 OLC I . -6.65 -19.84 5.39
C11 OLC I . -7.53 -19.86 7.70
C8 OLC I . -8.08 -19.88 4.85
C24 OLC I . -18.54 -16.32 -0.57
C12 OLC I . -7.00 -20.37 9.04
C7 OLC I . -8.04 -20.00 3.32
C6 OLC I . -9.34 -20.65 2.84
C5 OLC I . -10.52 -19.78 3.24
C4 OLC I . -11.07 -19.06 2.01
C3 OLC I . -12.40 -19.68 1.58
C2 OLC I . -13.53 -18.71 1.89
C21 OLC I . -16.28 -17.43 -0.38
C1 OLC I . -14.38 -18.45 0.65
C22 OLC I . -17.07 -16.15 -0.15
O19 OLC I . -14.09 -18.90 -0.40
O25 OLC I . -19.25 -15.15 -0.28
O23 OLC I . -17.01 -15.86 1.22
O20 OLC I . -15.52 -17.64 0.78
C24 OLC J . 9.07 -14.87 -10.33
C4 OLC J . 10.32 -22.10 -6.74
C3 OLC J . 9.05 -21.42 -7.23
C2 OLC J . 8.95 -19.98 -6.75
C21 OLC J . 8.88 -17.15 -9.27
C1 OLC J . 8.59 -19.05 -7.92
C22 OLC J . 9.74 -15.90 -9.42
O19 OLC J . 7.74 -19.37 -8.67
O25 OLC J . 10.08 -14.20 -11.04
O23 OLC J . 9.93 -15.33 -8.16
O20 OLC J . 9.26 -17.84 -8.10
#